data_7XLJ
#
_entry.id   7XLJ
#
_cell.length_a   70.333
_cell.length_b   73.761
_cell.length_c   78.060
_cell.angle_alpha   90.00
_cell.angle_beta   90.00
_cell.angle_gamma   90.00
#
_symmetry.space_group_name_H-M   'P 21 21 21'
#
loop_
_entity.id
_entity.type
_entity.pdbx_description
1 polymer 'NAC domain-containing protein 92'
2 water water
#
_entity_poly.entity_id   1
_entity_poly.type   'polypeptide(L)'
_entity_poly.pdbx_seq_one_letter_code
;VEDEEHIDLPPGFRFHPTDEELITHYLKPKVFNTFFSATAIGEVDLNKIEPWDLPWKAKMGEKEWYFFCVRDRKYPTGLR
TNRATEAGYWKATGKDKEIFKGKSLVGMKKTLVFYKGRAPKGVKTNWVMHEYRLEGKYCIENLPQTAKNEWVICRVFQK
;
_entity_poly.pdbx_strand_id   A,B
#
# COMPACT_ATOMS: atom_id res chain seq x y z
N GLU A 4 -16.65 3.96 19.85
CA GLU A 4 -15.94 2.69 19.96
C GLU A 4 -14.68 2.68 19.08
N GLU A 5 -13.53 2.38 19.69
CA GLU A 5 -12.24 2.38 18.93
C GLU A 5 -11.90 0.96 18.46
N HIS A 6 -12.88 0.05 18.44
CA HIS A 6 -12.57 -1.36 18.07
C HIS A 6 -12.08 -1.44 16.62
N ILE A 7 -12.75 -0.76 15.68
CA ILE A 7 -12.30 -0.68 14.26
C ILE A 7 -11.91 -2.06 13.70
N ASP A 8 -12.76 -3.08 13.89
CA ASP A 8 -12.48 -4.40 13.27
C ASP A 8 -12.23 -4.21 11.77
N LEU A 9 -11.12 -4.73 11.23
CA LEU A 9 -10.83 -4.45 9.84
C LEU A 9 -10.86 -5.73 9.04
N PRO A 10 -11.62 -5.81 7.95
CA PRO A 10 -11.59 -6.98 7.09
C PRO A 10 -10.18 -7.22 6.58
N PRO A 11 -9.85 -8.46 6.21
CA PRO A 11 -8.49 -8.73 5.73
C PRO A 11 -8.15 -7.84 4.55
N GLY A 12 -6.90 -7.37 4.54
CA GLY A 12 -6.40 -6.57 3.44
C GLY A 12 -6.66 -5.09 3.54
N PHE A 13 -7.51 -4.66 4.45
CA PHE A 13 -7.66 -3.25 4.75
C PHE A 13 -6.60 -2.87 5.77
N ARG A 14 -5.89 -1.77 5.51
CA ARG A 14 -4.75 -1.36 6.31
C ARG A 14 -4.46 0.12 6.05
N PHE A 15 -3.78 0.72 7.01
CA PHE A 15 -3.31 2.09 6.88
C PHE A 15 -2.50 2.26 5.61
N HIS A 16 -2.98 3.09 4.71
CA HIS A 16 -2.25 3.33 3.47
C HIS A 16 -2.51 4.76 3.02
N PRO A 17 -2.09 5.72 3.83
CA PRO A 17 -2.50 7.10 3.63
C PRO A 17 -1.79 7.69 2.43
N THR A 18 -2.44 8.65 1.78
CA THR A 18 -1.68 9.54 0.92
C THR A 18 -0.98 10.59 1.76
N ASP A 19 0.02 11.22 1.16
CA ASP A 19 0.77 12.27 1.84
C ASP A 19 -0.16 13.32 2.40
N GLU A 20 -1.15 13.70 1.63
CA GLU A 20 -2.05 14.75 2.09
C GLU A 20 -2.96 14.24 3.20
N GLU A 21 -3.36 12.97 3.16
CA GLU A 21 -4.13 12.43 4.29
C GLU A 21 -3.29 12.41 5.57
N LEU A 22 -2.01 12.09 5.46
CA LEU A 22 -1.13 12.17 6.62
C LEU A 22 -1.14 13.57 7.21
N ILE A 23 -0.83 14.57 6.38
CA ILE A 23 -0.82 15.94 6.85
C ILE A 23 -2.16 16.31 7.50
N THR A 24 -3.25 16.17 6.73
CA THR A 24 -4.56 16.72 7.09
C THR A 24 -5.12 16.04 8.32
N HIS A 25 -5.16 14.72 8.34
CA HIS A 25 -5.83 14.02 9.43
C HIS A 25 -4.88 13.59 10.52
N TYR A 26 -3.60 13.84 10.40
CA TYR A 26 -2.85 13.38 11.54
C TYR A 26 -1.87 14.42 12.05
N LEU A 27 -1.18 15.15 11.15
CA LEU A 27 -0.15 16.03 11.67
C LEU A 27 -0.80 17.29 12.21
N LYS A 28 -1.56 17.97 11.37
CA LYS A 28 -2.33 19.11 11.86
C LYS A 28 -2.98 18.86 13.23
N PRO A 29 -3.75 17.78 13.43
CA PRO A 29 -4.34 17.60 14.77
C PRO A 29 -3.31 17.53 15.87
N LYS A 30 -2.22 16.80 15.68
CA LYS A 30 -1.16 16.78 16.69
C LYS A 30 -0.59 18.18 16.97
N VAL A 31 -0.33 19.00 15.93
CA VAL A 31 0.21 20.33 16.22
C VAL A 31 -0.85 21.25 16.81
N PHE A 32 -2.14 20.93 16.59
CA PHE A 32 -3.19 21.63 17.32
C PHE A 32 -3.14 21.26 18.79
N ASN A 33 -3.46 19.98 19.08
CA ASN A 33 -3.46 19.48 20.48
C ASN A 33 -2.34 18.46 20.62
N THR A 34 -1.40 18.70 21.53
CA THR A 34 -0.26 17.76 21.75
C THR A 34 -0.80 16.42 22.23
N PHE A 35 -1.94 16.41 22.91
CA PHE A 35 -2.48 15.15 23.47
C PHE A 35 -3.27 14.37 22.41
N PHE A 36 -3.01 14.61 21.12
CA PHE A 36 -3.69 13.83 20.09
C PHE A 36 -3.04 12.45 19.98
N SER A 37 -3.89 11.45 19.73
CA SER A 37 -3.47 10.08 19.54
C SER A 37 -4.30 9.45 18.44
N ALA A 38 -3.72 8.49 17.77
CA ALA A 38 -4.43 7.73 16.75
C ALA A 38 -3.83 6.35 16.75
N THR A 39 -4.63 5.33 16.46
CA THR A 39 -4.09 3.98 16.57
C THR A 39 -3.03 3.73 15.52
N ALA A 40 -3.18 4.35 14.34
CA ALA A 40 -2.26 4.12 13.24
C ALA A 40 -0.86 4.64 13.50
N ILE A 41 -0.68 5.61 14.39
CA ILE A 41 0.61 6.28 14.53
C ILE A 41 1.02 6.30 16.00
N GLY A 42 2.17 5.66 16.31
CA GLY A 42 2.76 5.72 17.63
C GLY A 42 3.34 7.07 17.95
N GLU A 43 3.89 7.19 19.15
CA GLU A 43 4.63 8.38 19.54
C GLU A 43 5.87 7.91 20.26
N VAL A 44 7.01 8.06 19.60
CA VAL A 44 8.30 7.60 20.09
C VAL A 44 9.34 8.63 19.69
N ASP A 45 10.43 8.65 20.45
CA ASP A 45 11.58 9.48 20.12
C ASP A 45 12.49 8.70 19.17
N LEU A 46 12.59 9.17 17.93
CA LEU A 46 13.43 8.50 16.93
C LEU A 46 14.81 8.20 17.48
N ASN A 47 15.27 8.98 18.45
CA ASN A 47 16.60 8.79 19.00
C ASN A 47 16.71 7.47 19.75
N LYS A 48 15.67 7.09 20.47
CA LYS A 48 15.76 5.93 21.36
C LYS A 48 15.60 4.60 20.66
N ILE A 49 15.43 4.57 19.34
CA ILE A 49 15.03 3.33 18.68
C ILE A 49 15.94 3.05 17.48
N GLU A 50 16.53 1.86 17.47
CA GLU A 50 17.24 1.43 16.28
C GLU A 50 16.28 0.72 15.34
N PRO A 51 16.40 0.99 14.04
CA PRO A 51 15.37 0.51 13.10
C PRO A 51 15.41 -0.99 12.87
N TRP A 52 16.57 -1.64 12.96
CA TRP A 52 16.62 -3.08 12.75
C TRP A 52 15.83 -3.86 13.79
N ASP A 53 15.49 -3.22 14.91
CA ASP A 53 14.61 -3.84 15.89
C ASP A 53 13.18 -3.94 15.43
N LEU A 54 12.79 -3.14 14.44
CA LEU A 54 11.37 -3.05 14.11
C LEU A 54 10.78 -4.33 13.55
N PRO A 55 11.45 -5.08 12.67
CA PRO A 55 10.79 -6.25 12.07
C PRO A 55 10.50 -7.34 13.08
N TRP A 56 11.08 -7.26 14.28
CA TRP A 56 10.79 -8.26 15.29
C TRP A 56 9.46 -8.02 15.98
N LYS A 57 9.00 -6.77 16.01
CA LYS A 57 7.71 -6.45 16.60
C LYS A 57 6.64 -6.28 15.54
N ALA A 58 6.99 -6.53 14.29
CA ALA A 58 6.06 -6.50 13.18
C ALA A 58 4.93 -7.50 13.36
N LYS A 59 3.69 -7.02 13.28
CA LYS A 59 2.58 -7.92 13.03
C LYS A 59 2.65 -8.46 11.61
N MET A 60 1.79 -9.41 11.28
CA MET A 60 1.85 -10.10 10.00
C MET A 60 1.47 -9.15 8.86
N GLY A 61 2.24 -9.19 7.78
CA GLY A 61 1.98 -8.26 6.67
C GLY A 61 2.22 -6.79 6.95
N GLU A 62 2.83 -6.45 8.08
CA GLU A 62 3.14 -5.08 8.44
C GLU A 62 4.55 -4.78 7.97
N LYS A 63 4.70 -3.81 7.05
CA LYS A 63 5.96 -3.53 6.37
C LYS A 63 6.46 -2.10 6.56
N GLU A 64 5.71 -1.24 7.23
CA GLU A 64 6.14 0.13 7.46
C GLU A 64 5.59 0.56 8.81
N TRP A 65 6.22 1.56 9.42
CA TRP A 65 5.84 2.01 10.76
C TRP A 65 5.75 3.53 10.78
N TYR A 66 4.72 4.06 11.42
CA TYR A 66 4.51 5.49 11.49
C TYR A 66 4.68 5.96 12.92
N PHE A 67 5.32 7.11 13.11
CA PHE A 67 5.57 7.64 14.44
C PHE A 67 5.41 9.16 14.46
N PHE A 68 4.91 9.68 15.58
CA PHE A 68 5.04 11.09 15.89
C PHE A 68 6.39 11.30 16.57
N CYS A 69 7.18 12.27 16.07
CA CYS A 69 8.42 12.64 16.71
C CYS A 69 8.51 14.14 16.87
N VAL A 70 9.44 14.56 17.67
CA VAL A 70 9.69 15.97 17.87
C VAL A 70 10.64 16.47 16.81
N ARG A 71 10.52 17.75 16.48
CA ARG A 71 11.44 18.41 15.58
C ARG A 71 12.80 18.65 16.24
N ASP A 72 13.85 18.54 15.44
CA ASP A 72 15.23 18.82 15.85
C ASP A 72 15.70 20.15 15.26
N ARG A 73 16.80 20.66 15.83
CA ARG A 73 17.32 21.99 15.52
C ARG A 73 18.84 21.89 15.37
N LYS A 74 19.32 21.87 14.12
CA LYS A 74 20.74 21.76 13.77
C LYS A 74 21.55 20.89 14.73
N ASN A 82 18.40 15.38 16.69
CA ASN A 82 19.31 15.95 15.70
C ASN A 82 19.65 14.92 14.61
N ARG A 83 18.65 14.14 14.21
CA ARG A 83 18.81 13.02 13.27
C ARG A 83 19.75 11.94 13.81
N ALA A 84 20.03 11.97 15.11
CA ALA A 84 21.06 11.16 15.73
C ALA A 84 20.45 10.01 16.51
N THR A 85 21.14 8.87 16.50
CA THR A 85 20.73 7.66 17.19
C THR A 85 21.93 7.08 17.93
N GLU A 86 21.66 6.50 19.11
CA GLU A 86 22.73 5.95 19.94
C GLU A 86 23.65 5.04 19.13
N ALA A 87 23.07 4.22 18.25
CA ALA A 87 23.84 3.30 17.42
C ALA A 87 23.90 3.72 15.95
N GLY A 88 23.40 4.89 15.59
CA GLY A 88 23.45 5.30 14.20
C GLY A 88 22.98 6.71 13.95
N TYR A 89 22.68 7.01 12.70
CA TYR A 89 22.22 8.36 12.36
C TYR A 89 21.48 8.34 11.03
N TRP A 90 20.52 9.26 10.90
CA TRP A 90 19.76 9.48 9.67
C TRP A 90 20.35 10.64 8.87
N LYS A 91 20.56 10.42 7.56
CA LYS A 91 21.10 11.43 6.66
C LYS A 91 20.14 11.68 5.50
N ALA A 92 19.74 12.93 5.31
CA ALA A 92 18.80 13.26 4.25
C ALA A 92 19.39 12.98 2.87
N THR A 93 18.52 12.94 1.88
CA THR A 93 18.93 12.54 0.56
C THR A 93 17.84 12.98 -0.42
N GLY A 94 18.25 13.36 -1.62
CA GLY A 94 17.32 13.85 -2.62
C GLY A 94 16.69 15.17 -2.23
N LYS A 95 15.67 15.52 -2.99
CA LYS A 95 14.96 16.78 -2.81
C LYS A 95 13.63 16.54 -2.11
N ASP A 96 13.35 17.34 -1.09
CA ASP A 96 12.08 17.25 -0.40
C ASP A 96 10.94 17.39 -1.41
N LYS A 97 9.79 16.81 -1.10
CA LYS A 97 8.68 16.71 -2.03
C LYS A 97 7.49 17.46 -1.47
N GLU A 98 6.82 18.23 -2.34
CA GLU A 98 5.70 19.08 -1.96
C GLU A 98 4.43 18.28 -1.77
N ILE A 99 3.61 18.74 -0.83
CA ILE A 99 2.35 18.11 -0.53
C ILE A 99 1.27 19.16 -0.53
N PHE A 100 0.23 18.89 -1.30
CA PHE A 100 -0.79 19.82 -1.67
C PHE A 100 -2.17 19.37 -1.24
N LYS A 101 -3.02 20.34 -0.96
CA LYS A 101 -4.44 20.07 -0.74
C LYS A 101 -5.13 21.06 -1.65
N GLY A 102 -5.58 20.58 -2.81
CA GLY A 102 -6.16 21.49 -3.77
C GLY A 102 -5.07 22.39 -4.26
N LYS A 103 -5.31 23.68 -4.21
CA LYS A 103 -4.39 24.67 -4.73
C LYS A 103 -3.39 25.15 -3.69
N SER A 104 -3.32 24.51 -2.53
CA SER A 104 -2.47 24.96 -1.43
C SER A 104 -1.40 23.93 -1.09
N LEU A 105 -0.20 24.43 -0.78
CA LEU A 105 0.84 23.62 -0.17
C LEU A 105 0.52 23.50 1.30
N VAL A 106 0.43 22.26 1.79
CA VAL A 106 0.22 22.00 3.21
C VAL A 106 1.37 21.26 3.84
N GLY A 107 2.37 20.83 3.08
CA GLY A 107 3.46 20.21 3.81
C GLY A 107 4.53 19.76 2.87
N MET A 108 5.58 19.18 3.46
CA MET A 108 6.68 18.59 2.71
C MET A 108 7.06 17.24 3.31
N LYS A 109 7.63 16.40 2.46
CA LYS A 109 8.09 15.06 2.76
C LYS A 109 9.57 14.94 2.40
N LYS A 110 10.41 14.66 3.40
CA LYS A 110 11.84 14.52 3.18
C LYS A 110 12.25 13.06 3.32
N THR A 111 13.19 12.62 2.50
CA THR A 111 13.71 11.27 2.57
C THR A 111 15.05 11.22 3.28
N LEU A 112 15.24 10.21 4.13
CA LEU A 112 16.46 10.02 4.89
C LEU A 112 16.87 8.55 4.87
N VAL A 113 18.16 8.29 5.02
CA VAL A 113 18.72 6.95 4.99
C VAL A 113 19.47 6.73 6.29
N PHE A 114 19.44 5.49 6.81
CA PHE A 114 20.09 5.19 8.09
C PHE A 114 21.50 4.65 7.90
N TYR A 115 22.41 5.10 8.77
CA TYR A 115 23.83 4.75 8.73
C TYR A 115 24.31 4.32 10.12
N LYS A 116 25.37 3.51 10.12
CA LYS A 116 26.07 2.99 11.31
C LYS A 116 26.49 4.03 12.33
N GLY A 117 26.67 3.62 13.60
CA GLY A 117 26.90 4.56 14.69
C GLY A 117 27.93 5.65 14.45
N ARG A 118 28.99 5.33 13.70
CA ARG A 118 30.13 6.23 13.58
C ARG A 118 29.84 7.31 12.53
N ALA A 119 29.61 8.54 13.01
CA ALA A 119 29.15 9.62 12.13
C ALA A 119 30.08 9.92 10.95
N PRO A 120 31.41 9.87 11.08
CA PRO A 120 32.24 9.86 9.86
C PRO A 120 32.31 8.44 9.28
N LYS A 121 32.15 8.35 7.96
CA LYS A 121 32.29 7.09 7.22
C LYS A 121 31.38 5.99 7.77
N GLY A 122 30.09 6.31 7.89
CA GLY A 122 29.14 5.32 8.34
C GLY A 122 28.94 4.21 7.32
N VAL A 123 28.14 3.22 7.69
CA VAL A 123 27.78 2.12 6.79
C VAL A 123 26.32 2.28 6.41
N LYS A 124 26.08 2.53 5.12
CA LYS A 124 24.72 2.75 4.62
C LYS A 124 23.88 1.49 4.82
N THR A 125 22.64 1.70 5.29
CA THR A 125 21.68 0.61 5.46
C THR A 125 20.60 0.70 4.40
N ASN A 126 19.80 -0.35 4.28
CA ASN A 126 18.61 -0.26 3.45
C ASN A 126 17.39 0.17 4.24
N TRP A 127 17.58 0.84 5.39
CA TRP A 127 16.48 1.42 6.14
C TRP A 127 16.24 2.88 5.76
N VAL A 128 15.04 3.15 5.25
CA VAL A 128 14.66 4.46 4.72
C VAL A 128 13.59 5.07 5.63
N MET A 129 13.59 6.41 5.69
CA MET A 129 12.59 7.17 6.43
C MET A 129 11.99 8.27 5.55
N HIS A 130 10.69 8.51 5.68
CA HIS A 130 10.02 9.68 5.12
C HIS A 130 9.54 10.52 6.29
N GLU A 131 10.11 11.71 6.45
CA GLU A 131 9.72 12.64 7.51
C GLU A 131 8.74 13.65 6.92
N TYR A 132 7.63 13.90 7.61
CA TYR A 132 6.55 14.72 7.09
C TYR A 132 6.37 15.90 8.00
N ARG A 133 6.39 17.10 7.42
CA ARG A 133 6.29 18.33 8.20
C ARG A 133 5.27 19.27 7.55
N LEU A 134 4.61 20.06 8.39
CA LEU A 134 3.75 21.13 7.90
C LEU A 134 4.59 22.16 7.16
N GLU A 135 3.94 22.88 6.25
CA GLU A 135 4.58 23.91 5.43
C GLU A 135 3.50 24.64 4.65
N GLY A 136 3.92 25.69 3.94
CA GLY A 136 2.99 26.53 3.22
C GLY A 136 2.83 27.81 4.01
N LYS A 137 3.27 28.92 3.40
CA LYS A 137 3.25 30.22 4.07
C LYS A 137 1.89 30.49 4.71
N TYR A 138 0.81 30.32 3.95
CA TYR A 138 -0.49 30.68 4.51
C TYR A 138 -1.01 29.64 5.50
N CYS A 139 -0.73 28.35 5.27
CA CYS A 139 -1.13 27.36 6.27
C CYS A 139 -0.42 27.62 7.59
N ILE A 140 0.90 27.80 7.54
CA ILE A 140 1.66 28.01 8.77
C ILE A 140 1.33 29.36 9.39
N GLU A 141 1.05 30.37 8.57
CA GLU A 141 0.75 31.69 9.11
C GLU A 141 -0.60 31.71 9.82
N ASN A 142 -1.59 30.97 9.29
CA ASN A 142 -2.94 30.99 9.87
C ASN A 142 -3.13 29.89 10.91
N LEU A 143 -2.14 29.61 11.68
CA LEU A 143 -2.47 28.75 12.79
C LEU A 143 -2.91 29.59 13.98
N PRO A 144 -3.81 29.07 14.82
CA PRO A 144 -4.10 29.75 16.08
C PRO A 144 -2.89 29.72 16.99
N GLN A 145 -2.72 30.81 17.74
CA GLN A 145 -1.57 30.94 18.64
C GLN A 145 -1.49 29.81 19.66
N THR A 146 -2.53 28.98 19.80
CA THR A 146 -2.53 27.88 20.75
C THR A 146 -1.95 26.60 20.16
N ALA A 147 -1.42 26.66 18.94
CA ALA A 147 -0.87 25.49 18.27
C ALA A 147 0.64 25.48 18.38
N LYS A 148 1.23 24.29 18.34
CA LYS A 148 2.67 24.12 18.51
C LYS A 148 3.19 23.23 17.39
N ASN A 149 3.99 23.80 16.49
CA ASN A 149 4.51 23.06 15.35
C ASN A 149 5.87 22.44 15.69
N GLU A 150 5.85 21.56 16.70
CA GLU A 150 7.06 20.88 17.15
C GLU A 150 6.97 19.36 16.92
N TRP A 151 6.20 18.97 15.91
CA TRP A 151 5.95 17.56 15.63
C TRP A 151 6.19 17.27 14.15
N VAL A 152 6.71 16.08 13.86
CA VAL A 152 6.69 15.54 12.50
C VAL A 152 6.18 14.11 12.54
N ILE A 153 5.80 13.61 11.36
CA ILE A 153 5.43 12.20 11.22
C ILE A 153 6.52 11.48 10.45
N CYS A 154 7.04 10.39 11.01
CA CYS A 154 8.05 9.58 10.36
C CYS A 154 7.46 8.24 9.92
N ARG A 155 7.61 7.92 8.64
CA ARG A 155 7.37 6.57 8.14
C ARG A 155 8.72 5.89 7.96
N VAL A 156 8.91 4.78 8.65
CA VAL A 156 10.13 3.99 8.58
C VAL A 156 9.83 2.68 7.88
N PHE A 157 10.68 2.30 6.95
CA PHE A 157 10.43 1.10 6.18
C PHE A 157 11.75 0.68 5.59
N GLN A 158 11.74 -0.43 4.86
CA GLN A 158 12.96 -1.07 4.39
C GLN A 158 12.93 -1.17 2.87
N LYS A 159 14.03 -0.76 2.24
CA LYS A 159 14.16 -0.79 0.78
C LYS A 159 13.78 -2.13 0.19
N HIS B 6 -22.11 -1.76 4.92
CA HIS B 6 -21.25 -0.57 4.81
C HIS B 6 -20.16 -0.56 5.88
N ILE B 7 -18.94 -0.21 5.47
CA ILE B 7 -17.79 -0.18 6.36
C ILE B 7 -17.32 1.26 6.51
N ASP B 8 -17.08 1.65 7.76
CA ASP B 8 -16.72 3.02 8.10
C ASP B 8 -15.22 3.11 8.37
N LEU B 9 -14.47 3.41 7.34
CA LEU B 9 -13.01 3.49 7.39
C LEU B 9 -12.54 4.79 8.00
N PRO B 10 -11.63 4.73 8.96
CA PRO B 10 -10.93 5.94 9.38
C PRO B 10 -10.13 6.50 8.21
N PRO B 11 -9.70 7.76 8.28
CA PRO B 11 -8.96 8.34 7.14
C PRO B 11 -7.59 7.70 7.00
N GLY B 12 -7.22 7.41 5.77
CA GLY B 12 -5.97 6.76 5.46
C GLY B 12 -6.07 5.25 5.32
N PHE B 13 -7.08 4.65 5.91
CA PHE B 13 -7.30 3.21 5.81
C PHE B 13 -8.01 2.88 4.52
N ARG B 14 -7.52 1.89 3.80
CA ARG B 14 -8.14 1.52 2.53
C ARG B 14 -7.79 0.08 2.22
N PHE B 15 -8.32 -0.40 1.10
CA PHE B 15 -8.07 -1.77 0.66
C PHE B 15 -6.72 -1.83 -0.03
N HIS B 16 -5.75 -2.48 0.62
CA HIS B 16 -4.39 -2.58 0.10
C HIS B 16 -3.84 -3.93 0.50
N PRO B 17 -4.24 -4.99 -0.21
CA PRO B 17 -3.91 -6.36 0.21
C PRO B 17 -2.54 -6.84 -0.21
N THR B 18 -1.91 -7.63 0.65
CA THR B 18 -0.76 -8.37 0.17
C THR B 18 -1.24 -9.51 -0.73
N ASP B 19 -0.30 -10.14 -1.41
CA ASP B 19 -0.64 -11.24 -2.31
C ASP B 19 -1.26 -12.40 -1.54
N GLU B 20 -0.53 -12.88 -0.54
CA GLU B 20 -0.98 -14.00 0.27
C GLU B 20 -2.31 -13.69 0.94
N GLU B 21 -2.56 -12.42 1.29
CA GLU B 21 -3.90 -12.07 1.78
C GLU B 21 -4.96 -12.30 0.71
N LEU B 22 -4.68 -11.93 -0.54
CA LEU B 22 -5.64 -12.16 -1.62
C LEU B 22 -5.96 -13.65 -1.76
N ILE B 23 -4.94 -14.49 -1.90
CA ILE B 23 -5.15 -15.93 -1.95
C ILE B 23 -5.95 -16.43 -0.74
N THR B 24 -5.34 -16.32 0.46
CA THR B 24 -5.84 -16.95 1.66
C THR B 24 -7.23 -16.48 2.07
N HIS B 25 -7.58 -15.21 1.83
CA HIS B 25 -8.82 -14.68 2.39
C HIS B 25 -9.81 -14.25 1.33
N TYR B 26 -9.49 -14.40 0.01
CA TYR B 26 -10.45 -14.07 -1.01
C TYR B 26 -10.55 -15.13 -2.07
N LEU B 27 -9.44 -15.75 -2.47
CA LEU B 27 -9.59 -16.61 -3.63
C LEU B 27 -9.85 -18.05 -3.21
N LYS B 28 -9.08 -18.56 -2.27
CA LYS B 28 -9.36 -19.88 -1.72
C LYS B 28 -10.79 -20.01 -1.21
N PRO B 29 -11.33 -19.07 -0.45
CA PRO B 29 -12.77 -19.16 -0.15
C PRO B 29 -13.68 -19.16 -1.35
N LYS B 30 -13.45 -18.31 -2.35
CA LYS B 30 -14.33 -18.32 -3.52
C LYS B 30 -14.32 -19.66 -4.22
N VAL B 31 -13.20 -20.38 -4.13
CA VAL B 31 -13.09 -21.70 -4.75
C VAL B 31 -13.73 -22.77 -3.88
N PHE B 32 -13.42 -22.77 -2.58
CA PHE B 32 -13.81 -23.83 -1.67
C PHE B 32 -15.30 -23.77 -1.32
N ASN B 33 -15.88 -22.58 -1.28
CA ASN B 33 -17.27 -22.37 -0.91
C ASN B 33 -17.97 -21.67 -2.07
N THR B 34 -19.03 -22.28 -2.60
CA THR B 34 -19.67 -21.75 -3.79
C THR B 34 -20.42 -20.44 -3.49
N PHE B 35 -20.94 -20.30 -2.27
CA PHE B 35 -21.63 -19.07 -1.86
C PHE B 35 -20.63 -18.25 -1.04
N PHE B 36 -19.89 -17.37 -1.73
CA PHE B 36 -18.95 -16.47 -1.08
C PHE B 36 -19.10 -15.07 -1.65
N SER B 37 -19.08 -14.08 -0.75
CA SER B 37 -19.18 -12.68 -1.12
C SER B 37 -18.26 -11.85 -0.24
N ALA B 38 -17.80 -10.73 -0.79
CA ALA B 38 -16.92 -9.82 -0.07
C ALA B 38 -17.25 -8.40 -0.50
N THR B 39 -16.90 -7.44 0.37
CA THR B 39 -17.25 -6.04 0.13
C THR B 39 -16.27 -5.34 -0.80
N ALA B 40 -15.06 -5.86 -0.95
CA ALA B 40 -14.06 -5.16 -1.73
C ALA B 40 -13.80 -5.79 -3.09
N ILE B 41 -14.18 -7.05 -3.29
CA ILE B 41 -13.97 -7.75 -4.54
C ILE B 41 -15.32 -8.18 -5.08
N GLY B 42 -15.79 -7.48 -6.11
CA GLY B 42 -17.01 -7.86 -6.79
C GLY B 42 -16.77 -8.92 -7.84
N GLU B 43 -17.84 -9.35 -8.47
CA GLU B 43 -17.79 -10.32 -9.54
C GLU B 43 -18.09 -9.63 -10.86
N VAL B 44 -17.21 -9.82 -11.85
CA VAL B 44 -17.43 -9.30 -13.19
C VAL B 44 -16.99 -10.36 -14.19
N ASP B 45 -17.69 -10.41 -15.32
CA ASP B 45 -17.27 -11.26 -16.43
C ASP B 45 -16.20 -10.53 -17.23
N LEU B 46 -15.12 -11.24 -17.53
CA LEU B 46 -13.93 -10.60 -18.11
C LEU B 46 -14.23 -10.00 -19.49
N ASN B 47 -14.79 -10.81 -20.40
CA ASN B 47 -14.90 -10.40 -21.79
C ASN B 47 -15.87 -9.25 -21.99
N LYS B 48 -16.85 -9.09 -21.09
CA LYS B 48 -17.87 -8.06 -21.27
C LYS B 48 -17.26 -6.66 -21.20
N ILE B 49 -16.68 -6.30 -20.06
CA ILE B 49 -16.21 -4.93 -19.85
C ILE B 49 -14.95 -4.67 -20.67
N GLU B 50 -14.44 -3.46 -20.63
CA GLU B 50 -13.21 -3.05 -21.28
C GLU B 50 -12.39 -2.25 -20.29
N PRO B 51 -11.07 -2.18 -20.48
CA PRO B 51 -10.22 -1.47 -19.49
C PRO B 51 -10.61 -0.01 -19.25
N TRP B 52 -11.32 0.61 -20.18
CA TRP B 52 -11.87 1.95 -19.98
C TRP B 52 -13.31 1.83 -19.49
N ASP B 53 -13.41 1.38 -18.24
CA ASP B 53 -14.68 1.12 -17.58
C ASP B 53 -14.45 1.51 -16.12
N LEU B 54 -14.46 2.82 -15.85
CA LEU B 54 -14.27 3.33 -14.46
C LEU B 54 -15.41 2.92 -13.54
N PRO B 55 -16.72 3.05 -13.89
CA PRO B 55 -17.82 2.76 -12.96
C PRO B 55 -17.86 1.31 -12.43
N TRP B 56 -17.54 0.32 -13.26
CA TRP B 56 -17.66 -1.10 -12.83
C TRP B 56 -16.76 -1.34 -11.61
N LYS B 57 -17.27 -2.07 -10.61
CA LYS B 57 -16.50 -2.33 -9.35
C LYS B 57 -15.90 -1.01 -8.85
N MET B 60 -13.98 1.55 -7.42
CA MET B 60 -13.32 1.10 -6.16
C MET B 60 -12.54 2.27 -5.56
N GLY B 61 -11.30 2.02 -5.12
CA GLY B 61 -10.51 3.08 -4.46
C GLY B 61 -9.04 3.03 -4.84
N GLU B 62 -8.32 4.14 -4.65
CA GLU B 62 -6.85 4.19 -4.93
C GLU B 62 -6.59 3.86 -6.41
N LYS B 63 -7.48 4.29 -7.31
CA LYS B 63 -7.28 4.10 -8.77
C LYS B 63 -6.99 2.63 -9.12
N GLU B 64 -7.42 1.69 -8.27
CA GLU B 64 -7.28 0.28 -8.65
C GLU B 64 -8.60 -0.43 -8.43
N TRP B 65 -8.82 -1.48 -9.22
CA TRP B 65 -10.11 -2.16 -9.24
C TRP B 65 -9.90 -3.67 -9.22
N TYR B 66 -10.51 -4.34 -8.26
CA TYR B 66 -10.36 -5.78 -8.09
C TYR B 66 -11.66 -6.49 -8.43
N PHE B 67 -11.56 -7.73 -8.89
CA PHE B 67 -12.78 -8.52 -9.05
C PHE B 67 -12.46 -10.00 -9.26
N PHE B 68 -13.52 -10.79 -9.22
CA PHE B 68 -13.42 -12.20 -9.55
C PHE B 68 -13.64 -12.39 -11.04
N CYS B 69 -12.94 -13.36 -11.61
CA CYS B 69 -13.07 -13.66 -13.03
C CYS B 69 -13.36 -15.14 -13.21
N VAL B 70 -14.37 -15.42 -14.04
CA VAL B 70 -14.95 -16.74 -14.19
C VAL B 70 -14.03 -17.67 -14.99
N ARG B 71 -13.07 -17.11 -15.72
CA ARG B 71 -12.21 -17.93 -16.57
C ARG B 71 -10.74 -17.80 -16.20
N ARG B 80 0.09 -14.77 -23.49
CA ARG B 80 -0.54 -15.85 -24.23
C ARG B 80 -1.62 -15.33 -25.17
N THR B 81 -2.26 -14.22 -24.76
CA THR B 81 -3.38 -13.60 -25.48
C THR B 81 -4.56 -14.57 -25.61
N ASN B 82 -4.74 -15.41 -24.58
CA ASN B 82 -5.85 -16.37 -24.59
C ASN B 82 -7.20 -15.70 -24.34
N ARG B 83 -7.20 -14.48 -23.80
CA ARG B 83 -8.40 -13.67 -23.68
C ARG B 83 -8.13 -12.34 -24.35
N ALA B 84 -8.90 -12.05 -25.39
CA ALA B 84 -8.77 -10.80 -26.13
C ALA B 84 -10.08 -10.02 -26.02
N THR B 85 -9.96 -8.71 -26.02
CA THR B 85 -11.11 -7.82 -25.86
C THR B 85 -11.70 -7.48 -27.23
N GLU B 86 -12.99 -7.17 -27.22
CA GLU B 86 -13.62 -6.52 -28.37
C GLU B 86 -12.79 -5.36 -28.90
N ALA B 87 -12.03 -4.68 -28.03
CA ALA B 87 -11.27 -3.51 -28.42
C ALA B 87 -9.76 -3.68 -28.24
N GLY B 88 -9.30 -4.89 -27.94
CA GLY B 88 -7.86 -5.12 -27.79
C GLY B 88 -7.59 -6.51 -27.28
N TYR B 89 -6.46 -6.67 -26.62
CA TYR B 89 -6.17 -7.96 -26.00
C TYR B 89 -5.28 -7.75 -24.78
N TRP B 90 -5.17 -8.80 -23.98
CA TRP B 90 -4.25 -8.81 -22.86
C TRP B 90 -3.09 -9.72 -23.21
N LYS B 91 -1.87 -9.20 -23.12
CA LYS B 91 -0.66 -9.97 -23.40
C LYS B 91 0.03 -10.25 -22.07
N ALA B 92 0.35 -11.53 -21.84
CA ALA B 92 1.06 -11.94 -20.64
C ALA B 92 2.53 -11.54 -20.74
N THR B 93 3.04 -10.92 -19.68
CA THR B 93 4.43 -10.48 -19.64
C THR B 93 5.09 -10.85 -18.33
N GLY B 94 6.25 -11.49 -18.40
CA GLY B 94 7.12 -11.64 -17.25
C GLY B 94 6.94 -12.96 -16.52
N LYS B 95 7.96 -13.30 -15.73
CA LYS B 95 7.91 -14.52 -14.92
C LYS B 95 6.95 -14.30 -13.75
N ASP B 96 5.90 -15.12 -13.70
CA ASP B 96 4.89 -15.04 -12.65
C ASP B 96 5.55 -15.12 -11.27
N LYS B 97 5.06 -14.28 -10.36
CA LYS B 97 5.61 -14.24 -9.01
C LYS B 97 4.95 -15.30 -8.13
N GLU B 98 5.72 -15.89 -7.24
CA GLU B 98 5.20 -16.94 -6.37
C GLU B 98 4.67 -16.34 -5.08
N ILE B 99 3.59 -16.93 -4.58
CA ILE B 99 2.91 -16.41 -3.40
C ILE B 99 3.09 -17.44 -2.29
N PHE B 100 3.79 -17.06 -1.23
CA PHE B 100 4.16 -17.96 -0.16
C PHE B 100 3.39 -17.60 1.10
N LYS B 101 2.71 -18.58 1.69
CA LYS B 101 2.21 -18.42 3.06
C LYS B 101 3.28 -19.04 3.95
N GLY B 102 4.20 -18.21 4.41
CA GLY B 102 5.36 -18.71 5.12
C GLY B 102 6.17 -19.62 4.20
N LYS B 103 6.36 -20.87 4.62
CA LYS B 103 7.18 -21.81 3.87
C LYS B 103 6.39 -22.58 2.80
N SER B 104 5.08 -22.35 2.67
CA SER B 104 4.25 -23.05 1.70
C SER B 104 3.93 -22.15 0.52
N LEU B 105 4.03 -22.70 -0.70
CA LEU B 105 3.56 -22.02 -1.89
C LEU B 105 2.04 -22.10 -1.93
N VAL B 106 1.38 -20.99 -2.29
CA VAL B 106 -0.09 -20.97 -2.31
C VAL B 106 -0.68 -20.38 -3.58
N GLY B 107 0.09 -19.70 -4.42
CA GLY B 107 -0.55 -19.08 -5.55
C GLY B 107 0.47 -18.48 -6.48
N MET B 108 -0.04 -17.96 -7.59
CA MET B 108 0.80 -17.35 -8.59
C MET B 108 0.14 -16.09 -9.09
N LYS B 109 0.94 -15.07 -9.34
CA LYS B 109 0.50 -13.79 -9.87
C LYS B 109 1.04 -13.64 -11.28
N LYS B 110 0.17 -13.75 -12.27
CA LYS B 110 0.54 -13.42 -13.64
C LYS B 110 0.31 -11.93 -13.87
N THR B 111 1.17 -11.35 -14.68
CA THR B 111 1.09 -9.93 -15.02
C THR B 111 0.76 -9.79 -16.50
N LEU B 112 -0.27 -9.01 -16.81
CA LEU B 112 -0.69 -8.82 -18.18
C LEU B 112 -0.81 -7.33 -18.47
N VAL B 113 -0.64 -6.97 -19.74
CA VAL B 113 -0.76 -5.60 -20.21
C VAL B 113 -1.80 -5.56 -21.31
N PHE B 114 -2.53 -4.45 -21.40
CA PHE B 114 -3.59 -4.35 -22.39
C PHE B 114 -3.11 -3.61 -23.63
N TYR B 115 -3.40 -4.19 -24.80
CA TYR B 115 -3.00 -3.70 -26.10
C TYR B 115 -4.22 -3.26 -26.89
N LYS B 116 -4.18 -2.00 -27.36
CA LYS B 116 -5.32 -1.37 -28.03
C LYS B 116 -5.59 -2.02 -29.38
N GLY B 117 -4.65 -1.88 -30.31
CA GLY B 117 -4.81 -2.47 -31.63
C GLY B 117 -4.65 -3.97 -31.58
N ARG B 118 -5.60 -4.69 -32.16
CA ARG B 118 -5.66 -6.14 -31.96
C ARG B 118 -4.53 -6.90 -32.67
N ALA B 119 -3.81 -6.28 -33.60
CA ALA B 119 -2.73 -6.94 -34.31
C ALA B 119 -1.64 -7.39 -33.34
N PRO B 120 -0.88 -8.43 -33.69
CA PRO B 120 0.22 -8.87 -32.79
C PRO B 120 1.16 -7.74 -32.40
N LYS B 121 1.39 -6.76 -33.28
CA LYS B 121 2.00 -5.49 -32.90
C LYS B 121 0.85 -4.50 -32.70
N GLY B 122 0.26 -4.52 -31.51
CA GLY B 122 -0.86 -3.64 -31.19
C GLY B 122 -0.49 -2.46 -30.33
N VAL B 123 -1.35 -1.45 -30.27
CA VAL B 123 -1.00 -0.20 -29.60
C VAL B 123 -0.89 -0.45 -28.10
N LYS B 124 0.16 0.09 -27.50
CA LYS B 124 0.52 -0.20 -26.10
C LYS B 124 -0.20 0.76 -25.16
N THR B 125 -1.22 0.27 -24.46
CA THR B 125 -1.98 1.06 -23.50
C THR B 125 -1.39 0.90 -22.11
N ASN B 126 -1.65 1.89 -21.25
CA ASN B 126 -1.10 1.85 -19.89
C ASN B 126 -1.96 1.03 -18.92
N TRP B 127 -2.85 0.17 -19.41
CA TRP B 127 -3.70 -0.61 -18.53
C TRP B 127 -3.03 -1.93 -18.19
N VAL B 128 -2.94 -2.22 -16.89
CA VAL B 128 -2.20 -3.37 -16.37
C VAL B 128 -3.11 -4.22 -15.49
N MET B 129 -2.94 -5.54 -15.59
CA MET B 129 -3.71 -6.49 -14.79
C MET B 129 -2.80 -7.47 -14.08
N HIS B 130 -3.13 -7.76 -12.83
CA HIS B 130 -2.54 -8.84 -12.05
C HIS B 130 -3.59 -9.92 -11.89
N GLU B 131 -3.29 -11.12 -12.38
CA GLU B 131 -4.18 -12.28 -12.26
C GLU B 131 -3.63 -13.25 -11.21
N TYR B 132 -4.33 -13.36 -10.08
CA TYR B 132 -3.96 -14.26 -9.00
C TYR B 132 -4.71 -15.59 -9.13
N ARG B 133 -3.95 -16.70 -9.08
CA ARG B 133 -4.48 -18.06 -9.15
C ARG B 133 -3.94 -18.93 -7.99
N LEU B 134 -4.69 -19.98 -7.70
CA LEU B 134 -4.29 -20.98 -6.71
C LEU B 134 -3.18 -21.86 -7.27
N GLU B 135 -2.18 -22.13 -6.44
CA GLU B 135 -1.09 -23.00 -6.84
C GLU B 135 -0.53 -23.70 -5.62
N GLY B 136 0.57 -24.42 -5.82
CA GLY B 136 1.29 -25.12 -4.77
C GLY B 136 0.42 -26.05 -3.93
N LYS B 137 0.23 -25.67 -2.66
CA LYS B 137 -0.68 -26.38 -1.77
C LYS B 137 -2.12 -26.37 -2.28
N TYR B 138 -2.48 -25.39 -3.12
CA TYR B 138 -3.82 -25.25 -3.66
C TYR B 138 -3.87 -25.49 -5.17
N CYS B 139 -2.93 -26.28 -5.68
CA CYS B 139 -2.96 -26.70 -7.07
C CYS B 139 -4.19 -27.56 -7.35
N ILE B 140 -4.44 -27.80 -8.64
CA ILE B 140 -5.63 -28.54 -9.06
C ILE B 140 -5.63 -29.96 -8.51
N GLU B 141 -4.45 -30.56 -8.40
CA GLU B 141 -4.35 -31.96 -7.90
C GLU B 141 -4.75 -31.99 -6.42
N ASN B 142 -4.14 -31.12 -5.60
CA ASN B 142 -4.43 -31.12 -4.14
C ASN B 142 -5.83 -30.57 -3.87
N LEU B 143 -6.37 -29.79 -4.80
CA LEU B 143 -7.69 -29.17 -4.56
C LEU B 143 -8.72 -30.28 -4.51
N PRO B 144 -9.69 -30.23 -3.58
CA PRO B 144 -10.75 -31.22 -3.57
C PRO B 144 -11.67 -31.03 -4.78
N GLN B 145 -12.51 -32.03 -5.05
CA GLN B 145 -13.43 -31.94 -6.21
C GLN B 145 -14.62 -31.08 -5.81
N THR B 146 -14.76 -30.80 -4.51
CA THR B 146 -15.84 -29.88 -4.05
C THR B 146 -15.30 -28.45 -4.20
N ALA B 147 -14.79 -28.11 -5.39
CA ALA B 147 -14.17 -26.79 -5.59
C ALA B 147 -14.19 -26.44 -7.07
N LYS B 148 -14.36 -25.15 -7.39
CA LYS B 148 -14.35 -24.71 -8.80
C LYS B 148 -13.05 -23.95 -9.06
N ASN B 149 -12.05 -24.60 -9.65
CA ASN B 149 -10.76 -23.88 -9.78
C ASN B 149 -10.84 -22.89 -10.93
N GLU B 150 -12.06 -22.64 -11.45
CA GLU B 150 -12.19 -21.72 -12.61
C GLU B 150 -12.08 -20.26 -12.18
N TRP B 151 -12.19 -19.97 -10.88
CA TRP B 151 -12.18 -18.56 -10.40
C TRP B 151 -10.77 -18.00 -10.23
N VAL B 152 -10.55 -16.77 -10.71
CA VAL B 152 -9.29 -16.08 -10.47
C VAL B 152 -9.62 -14.72 -9.87
N ILE B 153 -8.60 -14.02 -9.37
CA ILE B 153 -8.76 -12.64 -8.94
C ILE B 153 -7.97 -11.74 -9.87
N CYS B 154 -8.57 -10.64 -10.31
CA CYS B 154 -7.84 -9.68 -11.11
C CYS B 154 -7.80 -8.33 -10.42
N ARG B 155 -6.61 -7.73 -10.42
CA ARG B 155 -6.42 -6.35 -10.03
C ARG B 155 -6.05 -5.57 -11.29
N VAL B 156 -6.78 -4.52 -11.58
CA VAL B 156 -6.54 -3.75 -12.78
C VAL B 156 -6.29 -2.31 -12.37
N PHE B 157 -5.28 -1.71 -13.00
CA PHE B 157 -4.98 -0.32 -12.74
C PHE B 157 -4.32 0.27 -13.98
N GLN B 158 -3.93 1.54 -13.89
CA GLN B 158 -3.42 2.29 -15.02
C GLN B 158 -1.98 2.71 -14.73
N LYS B 159 -1.13 2.58 -15.74
CA LYS B 159 0.27 3.04 -15.69
C LYS B 159 1.07 2.36 -14.60
#